data_6JRP
#
_entry.id   6JRP
#
_cell.length_a   66.082
_cell.length_b   66.082
_cell.length_c   158.285
_cell.angle_alpha   90.00
_cell.angle_beta   90.00
_cell.angle_gamma   120.00
#
_symmetry.space_group_name_H-M   'P 32'
#
loop_
_entity.id
_entity.type
_entity.pdbx_description
1 polymer 'Protein capicua homolog'
2 polymer "DNA (5'-D(*AP*TP*GP*AP*AP*TP*GP*AP*AP*AP*A)-3')"
3 polymer "DNA (5'-D(*TP*TP*TP*TP*CP*AP*TP*TP*CP*AP*T)-3')"
#
loop_
_entity_poly.entity_id
_entity_poly.type
_entity_poly.pdbx_seq_one_letter_code
_entity_poly.pdbx_strand_id
1 'polypeptide(L)'
;GSHIRRP(MSE)NAF(MSE)IFSKRHRALVHQRHPNQDNRTVSKILGEWWYALGPKEKQKYHDLAFQVKEAHFKAHPDWK
WCNKDRKK
;
A,D,G,J
2 'polydeoxyribonucleotide' (DA)(DT)(DG)(DA)(DA)(DT)(DG)(DA)(DA)(DA)(DA) B,E,H,K
3 'polydeoxyribonucleotide' (DT)(DT)(DT)(DT)(DC)(DA)(DT)(DT)(DC)(DA)(DT) C,F,I,L
#
# COMPACT_ATOMS: atom_id res chain seq x y z
N HIS A 3 -3.97 8.84 27.11
CA HIS A 3 -4.00 9.85 26.07
C HIS A 3 -2.60 10.33 25.76
N ILE A 4 -2.14 10.10 24.53
CA ILE A 4 -0.78 10.48 24.15
C ILE A 4 -0.69 11.89 23.60
N ARG A 5 -0.07 12.80 24.34
CA ARG A 5 0.01 14.19 23.90
C ARG A 5 1.25 14.45 23.05
N ARG A 6 1.20 15.51 22.25
CA ARG A 6 2.30 15.90 21.37
C ARG A 6 3.61 16.14 22.11
N PRO A 7 4.75 15.95 21.43
CA PRO A 7 6.06 16.29 21.99
C PRO A 7 6.24 17.79 22.05
N ASN A 9 7.52 21.59 21.93
CA ASN A 9 8.34 22.36 21.02
C ASN A 9 9.57 22.91 21.75
N ALA A 10 10.41 23.65 21.04
CA ALA A 10 11.60 24.21 21.68
C ALA A 10 11.20 25.40 22.53
N PHE A 11 10.39 26.28 21.94
CA PHE A 11 9.87 27.45 22.64
C PHE A 11 8.90 27.04 23.74
N ILE A 13 9.41 24.36 25.71
CA ILE A 13 10.33 24.05 26.81
C ILE A 13 10.87 25.34 27.42
N PHE A 14 11.30 26.25 26.55
CA PHE A 14 11.71 27.60 26.95
C PHE A 14 10.67 28.24 27.86
N SER A 15 9.43 28.31 27.36
CA SER A 15 8.32 28.89 28.10
C SER A 15 8.11 28.21 29.44
N LYS A 16 8.17 26.88 29.45
CA LYS A 16 8.04 26.14 30.70
C LYS A 16 9.09 26.55 31.72
N ARG A 17 10.30 26.80 31.24
CA ARG A 17 11.40 27.13 32.14
C ARG A 17 11.46 28.61 32.55
N HIS A 18 10.83 29.49 31.78
CA HIS A 18 11.01 30.92 32.00
C HIS A 18 9.74 31.73 32.26
N ARG A 19 8.59 31.07 32.23
CA ARG A 19 7.29 31.75 32.34
C ARG A 19 7.14 32.42 33.70
N ALA A 20 7.40 31.64 34.75
CA ALA A 20 7.42 32.14 36.12
C ALA A 20 8.34 33.35 36.28
N LEU A 21 9.55 33.24 35.74
CA LEU A 21 10.52 34.34 35.76
C LEU A 21 9.94 35.60 35.14
N VAL A 22 9.42 35.48 33.93
CA VAL A 22 8.84 36.60 33.22
C VAL A 22 7.69 37.20 34.03
N HIS A 23 6.98 36.36 34.76
CA HIS A 23 5.89 36.84 35.59
C HIS A 23 6.38 37.62 36.82
N GLN A 24 7.46 37.13 37.43
CA GLN A 24 8.07 37.80 38.57
C GLN A 24 8.72 39.12 38.21
N ARG A 25 9.19 39.22 36.97
CA ARG A 25 9.98 40.36 36.53
C ARG A 25 9.09 41.37 35.80
N HIS A 26 7.84 40.98 35.61
CA HIS A 26 6.80 41.89 35.19
C HIS A 26 5.64 41.68 36.18
N PRO A 27 5.75 42.33 37.34
CA PRO A 27 4.93 42.29 38.56
C PRO A 27 3.59 41.57 38.47
N ASN A 28 2.55 42.28 38.08
CA ASN A 28 1.20 41.71 38.06
C ASN A 28 0.56 41.67 36.67
N GLN A 29 1.38 41.47 35.65
CA GLN A 29 0.92 41.40 34.27
C GLN A 29 -0.01 40.23 33.98
N ASP A 30 -0.61 40.27 32.79
CA ASP A 30 -1.48 39.19 32.29
C ASP A 30 -0.60 38.07 31.73
N ASN A 31 -1.02 36.82 31.88
CA ASN A 31 -0.22 35.69 31.43
C ASN A 31 -0.13 35.58 29.89
N ARG A 32 -0.70 36.57 29.22
CA ARG A 32 -0.73 36.56 27.76
C ARG A 32 0.29 37.59 27.34
N THR A 33 0.44 38.60 28.18
CA THR A 33 1.50 39.56 27.99
C THR A 33 2.76 38.85 28.48
N VAL A 34 2.60 37.97 29.46
CA VAL A 34 3.69 37.08 29.87
C VAL A 34 4.11 36.21 28.70
N SER A 35 3.14 35.64 27.99
CA SER A 35 3.46 34.88 26.78
C SER A 35 4.20 35.71 25.73
N LYS A 36 3.72 36.92 25.48
CA LYS A 36 4.37 37.83 24.52
C LYS A 36 5.82 38.13 24.89
N ILE A 37 6.03 38.55 26.13
CA ILE A 37 7.37 38.81 26.64
C ILE A 37 8.25 37.58 26.54
N LEU A 38 7.67 36.40 26.75
CA LEU A 38 8.41 35.15 26.57
C LEU A 38 8.86 35.01 25.12
N GLY A 39 8.01 35.45 24.20
CA GLY A 39 8.38 35.44 22.79
C GLY A 39 9.53 36.39 22.51
N GLU A 40 9.47 37.57 23.13
CA GLU A 40 10.55 38.55 23.02
C GLU A 40 11.88 37.98 23.53
N TRP A 41 11.82 37.34 24.70
CA TRP A 41 12.99 36.70 25.30
C TRP A 41 13.52 35.62 24.37
N TRP A 42 12.63 34.97 23.65
CA TRP A 42 13.02 33.88 22.77
C TRP A 42 13.75 34.42 21.53
N TYR A 43 13.26 35.53 20.99
CA TYR A 43 13.97 36.16 19.88
C TYR A 43 15.30 36.75 20.31
N ALA A 44 15.34 37.31 21.52
CA ALA A 44 16.54 38.00 21.98
C ALA A 44 17.56 37.02 22.55
N LEU A 45 17.19 35.74 22.52
CA LEU A 45 18.09 34.68 22.96
C LEU A 45 19.11 34.39 21.88
N GLY A 46 20.35 34.13 22.29
CA GLY A 46 21.41 33.84 21.35
C GLY A 46 21.29 32.41 20.87
N PRO A 47 21.75 32.14 19.63
CA PRO A 47 21.73 30.79 19.04
C PRO A 47 22.43 29.77 19.94
N LYS A 48 23.32 30.30 20.79
CA LYS A 48 24.04 29.54 21.80
C LYS A 48 23.14 28.62 22.61
N GLU A 49 22.06 29.20 23.14
CA GLU A 49 21.16 28.46 24.02
C GLU A 49 19.90 28.04 23.26
N LYS A 50 19.59 28.75 22.18
CA LYS A 50 18.47 28.39 21.33
C LYS A 50 18.69 27.00 20.73
N GLN A 51 19.92 26.70 20.35
CA GLN A 51 20.22 25.36 19.83
C GLN A 51 20.38 24.35 20.98
N LYS A 52 20.31 24.85 22.20
CA LYS A 52 20.31 23.99 23.38
C LYS A 52 18.88 23.54 23.64
N TYR A 53 17.96 24.48 23.52
CA TYR A 53 16.54 24.18 23.67
C TYR A 53 16.14 23.30 22.49
N HIS A 54 16.78 23.54 21.35
CA HIS A 54 16.56 22.71 20.16
C HIS A 54 17.04 21.27 20.42
N ASP A 55 18.21 21.13 21.04
CA ASP A 55 18.71 19.80 21.37
C ASP A 55 17.78 19.10 22.37
N LEU A 56 17.25 19.87 23.32
CA LEU A 56 16.29 19.34 24.27
C LEU A 56 15.03 18.83 23.57
N ALA A 57 14.53 19.61 22.63
CA ALA A 57 13.34 19.23 21.87
C ALA A 57 13.58 17.95 21.07
N PHE A 58 14.79 17.83 20.52
CA PHE A 58 15.15 16.62 19.78
C PHE A 58 15.19 15.40 20.69
N GLN A 59 15.78 15.57 21.87
CA GLN A 59 15.94 14.48 22.82
C GLN A 59 14.61 14.02 23.41
N VAL A 60 13.66 14.96 23.54
CA VAL A 60 12.32 14.61 24.00
C VAL A 60 11.54 13.92 22.87
N LYS A 61 11.77 14.38 21.64
CA LYS A 61 11.07 13.85 20.49
C LYS A 61 11.46 12.40 20.21
N GLU A 62 12.75 12.09 20.32
CA GLU A 62 13.20 10.70 20.13
C GLU A 62 12.55 9.73 21.12
N ALA A 63 12.54 10.12 22.41
CA ALA A 63 12.02 9.23 23.43
C ALA A 63 10.50 9.22 23.38
N HIS A 64 9.91 10.14 22.63
CA HIS A 64 8.47 10.09 22.44
C HIS A 64 8.12 9.20 21.26
N PHE A 65 8.96 9.21 20.23
CA PHE A 65 8.72 8.33 19.10
C PHE A 65 9.16 6.91 19.37
N LYS A 66 9.83 6.66 20.49
CA LYS A 66 10.12 5.26 20.81
C LYS A 66 9.33 4.77 22.03
N ALA A 67 8.99 5.66 22.97
CA ALA A 67 8.18 5.22 24.11
C ALA A 67 6.71 5.17 23.70
N HIS A 68 6.47 5.61 22.47
CA HIS A 68 5.18 5.50 21.84
C HIS A 68 5.41 5.24 20.35
N PRO A 69 5.37 3.96 19.96
CA PRO A 69 5.45 3.60 18.54
C PRO A 69 4.10 3.78 17.89
N ASP A 70 4.09 4.13 16.60
CA ASP A 70 2.87 4.34 15.85
C ASP A 70 2.03 5.42 16.57
N TRP A 71 2.57 6.63 16.55
CA TRP A 71 1.86 7.80 17.06
C TRP A 71 1.91 8.89 16.01
N LYS A 72 0.80 9.57 15.80
CA LYS A 72 0.74 10.51 14.70
C LYS A 72 0.32 11.90 15.12
N TRP A 73 0.72 12.90 14.35
CA TRP A 73 0.29 14.28 14.58
C TRP A 73 -1.13 14.48 14.07
N CYS A 74 -2.09 13.87 14.76
CA CYS A 74 -3.48 13.90 14.33
C CYS A 74 -4.24 15.14 14.78
N ASN A 75 -4.66 15.95 13.81
CA ASN A 75 -5.46 17.14 14.09
C ASN A 75 -6.90 16.94 13.66
N LYS A 76 -7.84 17.04 14.60
CA LYS A 76 -9.24 16.86 14.27
C LYS A 76 -9.86 18.15 13.75
N HIS D 3 -8.04 2.08 3.94
CA HIS D 3 -7.41 3.36 4.24
C HIS D 3 -8.30 4.53 3.80
N ILE D 4 -8.67 5.38 4.75
CA ILE D 4 -9.54 6.51 4.47
C ILE D 4 -8.68 7.66 3.98
N ARG D 5 -8.91 8.07 2.73
CA ARG D 5 -8.03 9.04 2.10
C ARG D 5 -8.45 10.46 2.45
N ARG D 6 -7.48 11.37 2.49
CA ARG D 6 -7.76 12.77 2.77
C ARG D 6 -8.62 13.37 1.66
N PRO D 7 -9.43 14.39 1.99
CA PRO D 7 -10.21 15.04 0.93
C PRO D 7 -9.34 15.85 -0.02
N ASN D 9 -7.96 18.83 -2.43
CA ASN D 9 -7.78 20.27 -2.39
C ASN D 9 -8.46 20.96 -3.57
N ALA D 10 -8.39 22.28 -3.64
CA ALA D 10 -9.01 23.00 -4.74
C ALA D 10 -8.16 22.84 -5.98
N PHE D 11 -6.85 23.03 -5.82
CA PHE D 11 -5.91 22.83 -6.91
C PHE D 11 -5.79 21.36 -7.28
N ILE D 13 -8.35 19.13 -7.23
CA ILE D 13 -9.50 18.90 -8.09
C ILE D 13 -9.27 19.54 -9.45
N PHE D 14 -8.81 20.79 -9.44
CA PHE D 14 -8.40 21.49 -10.65
C PHE D 14 -7.48 20.62 -11.53
N SER D 15 -6.39 20.16 -10.94
CA SER D 15 -5.43 19.30 -11.61
C SER D 15 -6.07 18.04 -12.14
N LYS D 16 -6.94 17.43 -11.33
CA LYS D 16 -7.65 16.23 -11.74
C LYS D 16 -8.47 16.50 -13.01
N ARG D 17 -9.03 17.70 -13.09
CA ARG D 17 -9.89 18.06 -14.20
C ARG D 17 -9.12 18.53 -15.44
N HIS D 18 -7.88 18.98 -15.25
CA HIS D 18 -7.16 19.65 -16.35
C HIS D 18 -5.81 19.05 -16.76
N ARG D 19 -5.35 18.02 -16.06
CA ARG D 19 -4.02 17.46 -16.33
C ARG D 19 -3.91 16.82 -17.71
N ALA D 20 -4.87 15.95 -18.03
CA ALA D 20 -4.95 15.36 -19.36
C ALA D 20 -4.90 16.45 -20.43
N LEU D 21 -5.70 17.49 -20.22
CA LEU D 21 -5.74 18.63 -21.12
C LEU D 21 -4.36 19.27 -21.33
N VAL D 22 -3.71 19.65 -20.23
CA VAL D 22 -2.40 20.29 -20.30
C VAL D 22 -1.36 19.40 -20.97
N HIS D 23 -1.43 18.09 -20.73
CA HIS D 23 -0.45 17.18 -21.33
C HIS D 23 -0.72 17.02 -22.82
N GLN D 24 -2.00 17.01 -23.20
CA GLN D 24 -2.37 16.95 -24.61
C GLN D 24 -1.92 18.22 -25.31
N ARG D 25 -1.85 19.31 -24.56
CA ARG D 25 -1.49 20.60 -25.13
C ARG D 25 -0.01 20.89 -24.89
N HIS D 26 0.63 20.05 -24.08
CA HIS D 26 2.08 20.06 -23.94
C HIS D 26 2.59 18.63 -24.02
N PRO D 27 2.72 18.11 -25.25
CA PRO D 27 3.11 16.71 -25.49
C PRO D 27 4.58 16.41 -25.21
N ASN D 28 4.90 15.14 -25.05
CA ASN D 28 6.25 14.68 -24.73
C ASN D 28 6.89 15.43 -23.57
N GLN D 29 6.07 15.84 -22.61
CA GLN D 29 6.58 16.60 -21.49
C GLN D 29 6.65 15.73 -20.25
N ASP D 30 7.32 16.22 -19.22
CA ASP D 30 7.36 15.49 -17.97
C ASP D 30 6.06 15.80 -17.23
N ASN D 31 5.47 14.79 -16.60
CA ASN D 31 4.24 14.99 -15.84
C ASN D 31 4.55 15.72 -14.54
N ARG D 32 5.77 16.23 -14.47
CA ARG D 32 6.28 16.93 -13.30
C ARG D 32 6.37 18.42 -13.64
N THR D 33 6.67 18.70 -14.90
CA THR D 33 6.63 20.05 -15.43
C THR D 33 5.18 20.42 -15.79
N VAL D 34 4.43 19.41 -16.19
CA VAL D 34 2.99 19.56 -16.45
C VAL D 34 2.27 20.09 -15.21
N SER D 35 2.63 19.55 -14.04
CA SER D 35 2.10 20.04 -12.78
C SER D 35 2.36 21.53 -12.59
N LYS D 36 3.59 21.94 -12.90
CA LYS D 36 3.98 23.35 -12.82
C LYS D 36 3.12 24.21 -13.73
N ILE D 37 2.99 23.81 -14.99
CA ILE D 37 2.15 24.52 -15.95
C ILE D 37 0.70 24.62 -15.44
N LEU D 38 0.23 23.54 -14.81
CA LEU D 38 -1.09 23.52 -14.20
C LEU D 38 -1.19 24.54 -13.07
N GLY D 39 -0.08 24.72 -12.34
CA GLY D 39 -0.03 25.72 -11.29
C GLY D 39 -0.16 27.10 -11.90
N GLU D 40 0.50 27.31 -13.03
CA GLU D 40 0.37 28.56 -13.77
C GLU D 40 -1.08 28.81 -14.20
N TRP D 41 -1.71 27.77 -14.75
CA TRP D 41 -3.10 27.85 -15.19
C TRP D 41 -4.03 28.18 -14.01
N TRP D 42 -3.66 27.68 -12.84
CA TRP D 42 -4.45 27.89 -11.63
C TRP D 42 -4.29 29.32 -11.13
N TYR D 43 -3.07 29.84 -11.26
CA TYR D 43 -2.77 31.23 -10.90
C TYR D 43 -3.51 32.21 -11.80
N ALA D 44 -3.63 31.85 -13.08
CA ALA D 44 -4.23 32.74 -14.07
C ALA D 44 -5.75 32.58 -14.11
N LEU D 45 -6.28 31.76 -13.22
CA LEU D 45 -7.73 31.52 -13.14
C LEU D 45 -8.46 32.68 -12.46
N GLY D 46 -9.66 32.99 -12.95
CA GLY D 46 -10.44 34.08 -12.40
C GLY D 46 -11.10 33.69 -11.09
N PRO D 47 -11.27 34.66 -10.18
CA PRO D 47 -11.87 34.44 -8.86
C PRO D 47 -13.27 33.83 -8.87
N LYS D 48 -14.06 34.07 -9.90
CA LYS D 48 -15.36 33.44 -10.06
C LYS D 48 -15.28 31.91 -10.00
N GLU D 49 -14.37 31.37 -10.81
CA GLU D 49 -14.28 29.93 -10.99
C GLU D 49 -13.28 29.37 -10.01
N LYS D 50 -12.36 30.23 -9.57
CA LYS D 50 -11.42 29.88 -8.52
C LYS D 50 -12.25 29.60 -7.26
N GLN D 51 -13.30 30.40 -7.09
CA GLN D 51 -14.26 30.20 -5.99
C GLN D 51 -15.22 29.08 -6.29
N LYS D 52 -15.44 28.77 -7.57
CA LYS D 52 -16.13 27.52 -7.87
C LYS D 52 -15.34 26.33 -7.33
N TYR D 53 -14.04 26.35 -7.56
CA TYR D 53 -13.17 25.27 -7.08
C TYR D 53 -13.00 25.23 -5.56
N HIS D 54 -12.92 26.40 -4.93
CA HIS D 54 -12.84 26.42 -3.47
C HIS D 54 -14.14 25.93 -2.82
N ASP D 55 -15.28 26.38 -3.35
CA ASP D 55 -16.56 25.93 -2.82
C ASP D 55 -16.78 24.44 -3.08
N LEU D 56 -16.34 23.97 -4.24
CA LEU D 56 -16.41 22.55 -4.56
C LEU D 56 -15.55 21.75 -3.58
N ALA D 57 -14.35 22.23 -3.31
CA ALA D 57 -13.45 21.58 -2.36
C ALA D 57 -14.03 21.55 -0.96
N PHE D 58 -14.73 22.61 -0.59
CA PHE D 58 -15.39 22.70 0.70
C PHE D 58 -16.50 21.64 0.75
N GLN D 59 -17.22 21.51 -0.37
CA GLN D 59 -18.33 20.58 -0.47
C GLN D 59 -17.86 19.13 -0.42
N VAL D 60 -16.66 18.89 -0.93
CA VAL D 60 -16.06 17.57 -0.87
C VAL D 60 -15.55 17.31 0.54
N LYS D 61 -15.08 18.37 1.20
CA LYS D 61 -14.54 18.24 2.54
C LYS D 61 -15.62 17.91 3.56
N GLU D 62 -16.76 18.62 3.49
CA GLU D 62 -17.88 18.32 4.38
C GLU D 62 -18.42 16.90 4.19
N ALA D 63 -18.55 16.49 2.93
CA ALA D 63 -19.14 15.19 2.61
C ALA D 63 -18.19 14.04 2.95
N HIS D 64 -16.98 14.40 3.39
CA HIS D 64 -16.02 13.42 3.88
C HIS D 64 -16.26 13.19 5.35
N PHE D 65 -16.65 14.26 6.05
CA PHE D 65 -17.03 14.20 7.45
C PHE D 65 -18.45 13.68 7.60
N LYS D 66 -19.03 13.22 6.50
CA LYS D 66 -20.37 12.64 6.51
C LYS D 66 -20.31 11.12 6.59
N ALA D 67 -19.35 10.54 5.88
CA ALA D 67 -19.13 9.10 5.94
C ALA D 67 -18.09 8.75 7.00
N HIS D 68 -17.51 9.78 7.60
CA HIS D 68 -16.43 9.56 8.56
C HIS D 68 -16.41 10.55 9.71
N PRO D 69 -16.83 10.10 10.90
CA PRO D 69 -16.75 10.83 12.16
C PRO D 69 -15.29 10.81 12.58
N ASP D 70 -14.99 10.26 13.76
CA ASP D 70 -13.61 10.10 14.26
C ASP D 70 -12.62 9.81 13.12
N TRP D 71 -12.35 10.85 12.32
CA TRP D 71 -11.35 10.79 11.27
C TRP D 71 -10.40 11.96 11.48
N LYS D 72 -9.10 11.69 11.42
CA LYS D 72 -8.12 12.72 11.72
C LYS D 72 -7.08 12.88 10.61
N TRP D 73 -6.52 14.08 10.54
CA TRP D 73 -5.45 14.39 9.59
C TRP D 73 -4.13 13.88 10.14
N CYS D 74 -3.94 12.57 10.10
CA CYS D 74 -2.78 11.93 10.69
C CYS D 74 -1.53 12.02 9.81
N ASN D 75 -0.51 12.71 10.32
CA ASN D 75 0.75 12.87 9.60
C ASN D 75 1.89 12.04 10.19
N LYS D 76 2.47 11.15 9.39
CA LYS D 76 3.58 10.33 9.86
C LYS D 76 4.91 11.07 9.71
N HIS G 3 -5.89 -34.70 10.23
CA HIS G 3 -5.80 -34.00 8.96
C HIS G 3 -4.35 -33.78 8.56
N ILE G 4 -3.99 -34.24 7.37
CA ILE G 4 -2.61 -34.13 6.92
C ILE G 4 -2.39 -32.74 6.37
N ARG G 5 -1.53 -31.99 7.07
CA ARG G 5 -1.33 -30.58 6.81
C ARG G 5 -0.26 -30.38 5.73
N ARG G 6 -0.34 -29.26 5.01
CA ARG G 6 0.70 -28.92 4.05
C ARG G 6 2.03 -28.74 4.74
N PRO G 7 3.13 -28.93 4.01
CA PRO G 7 4.42 -28.60 4.62
C PRO G 7 4.54 -27.08 4.77
N ASN G 9 6.17 -23.27 4.11
CA ASN G 9 6.86 -22.41 3.14
C ASN G 9 8.13 -21.81 3.72
N ALA G 10 8.84 -21.03 2.91
CA ALA G 10 10.07 -20.40 3.35
C ALA G 10 9.74 -19.22 4.26
N PHE G 11 8.79 -18.41 3.82
CA PHE G 11 8.33 -17.27 4.60
C PHE G 11 7.55 -17.70 5.84
N ILE G 13 7.91 -20.34 7.92
CA ILE G 13 8.77 -20.71 9.05
C ILE G 13 9.40 -19.48 9.68
N PHE G 14 9.94 -18.61 8.83
CA PHE G 14 10.45 -17.30 9.23
C PHE G 14 9.44 -16.58 10.12
N SER G 15 8.22 -16.47 9.61
CA SER G 15 7.11 -15.84 10.33
C SER G 15 6.86 -16.51 11.68
N LYS G 16 6.89 -17.84 11.69
CA LYS G 16 6.72 -18.58 12.94
C LYS G 16 7.79 -18.19 13.95
N ARG G 17 9.00 -17.94 13.45
CA ARG G 17 10.13 -17.65 14.30
C ARG G 17 10.20 -16.19 14.73
N HIS G 18 9.52 -15.30 14.00
CA HIS G 18 9.70 -13.86 14.23
C HIS G 18 8.41 -13.08 14.54
N ARG G 19 7.27 -13.76 14.53
CA ARG G 19 5.99 -13.08 14.68
C ARG G 19 5.85 -12.47 16.07
N ALA G 20 6.10 -13.30 17.08
CA ALA G 20 6.13 -12.86 18.47
C ALA G 20 7.07 -11.68 18.63
N LEU G 21 8.26 -11.79 18.04
CA LEU G 21 9.24 -10.72 18.06
C LEU G 21 8.69 -9.40 17.54
N VAL G 22 8.17 -9.42 16.32
CA VAL G 22 7.64 -8.21 15.70
C VAL G 22 6.46 -7.62 16.48
N HIS G 23 5.60 -8.46 17.04
CA HIS G 23 4.45 -7.96 17.77
C HIS G 23 4.85 -7.35 19.10
N GLN G 24 5.83 -7.98 19.75
CA GLN G 24 6.38 -7.46 21.00
C GLN G 24 7.10 -6.15 20.73
N ARG G 25 7.60 -6.00 19.51
CA ARG G 25 8.38 -4.83 19.13
C ARG G 25 7.50 -3.83 18.36
N HIS G 26 6.29 -4.26 18.03
CA HIS G 26 5.29 -3.35 17.47
C HIS G 26 3.95 -3.49 18.16
N PRO G 27 3.77 -2.80 19.30
CA PRO G 27 2.52 -2.90 20.04
C PRO G 27 1.41 -2.16 19.30
N ASN G 28 0.23 -2.11 19.91
CA ASN G 28 -0.99 -1.52 19.31
C ASN G 28 -1.19 -1.77 17.82
N GLN G 29 -0.67 -2.88 17.31
CA GLN G 29 -0.82 -3.19 15.89
C GLN G 29 -1.74 -4.38 15.63
N ASP G 30 -2.17 -4.49 14.38
CA ASP G 30 -2.94 -5.63 13.91
C ASP G 30 -1.99 -6.75 13.49
N ASN G 31 -2.37 -8.00 13.71
CA ASN G 31 -1.49 -9.12 13.35
C ASN G 31 -1.37 -9.29 11.84
N ARG G 32 -1.97 -8.37 11.10
CA ARG G 32 -2.00 -8.43 9.65
C ARG G 32 -1.03 -7.38 9.14
N THR G 33 -0.96 -6.27 9.87
CA THR G 33 0.04 -5.26 9.60
C THR G 33 1.33 -5.77 10.22
N VAL G 34 1.21 -6.51 11.31
CA VAL G 34 2.33 -7.25 11.87
C VAL G 34 2.82 -8.23 10.82
N SER G 35 1.87 -8.91 10.19
CA SER G 35 2.22 -9.79 9.07
C SER G 35 2.96 -9.01 7.96
N LYS G 36 2.48 -7.82 7.64
CA LYS G 36 3.12 -6.96 6.65
C LYS G 36 4.57 -6.66 7.00
N ILE G 37 4.79 -6.17 8.21
CA ILE G 37 6.13 -5.87 8.71
C ILE G 37 7.01 -7.11 8.65
N LEU G 38 6.43 -8.26 8.96
CA LEU G 38 7.16 -9.52 8.88
C LEU G 38 7.57 -9.79 7.43
N GLY G 39 6.69 -9.42 6.50
CA GLY G 39 6.98 -9.56 5.08
C GLY G 39 8.12 -8.66 4.64
N GLU G 40 8.12 -7.42 5.13
CA GLU G 40 9.22 -6.50 4.87
C GLU G 40 10.54 -7.03 5.44
N TRP G 41 10.49 -7.53 6.66
CA TRP G 41 11.66 -8.11 7.32
C TRP G 41 12.17 -9.29 6.49
N TRP G 42 11.24 -9.99 5.84
CA TRP G 42 11.61 -11.12 4.99
C TRP G 42 12.26 -10.61 3.71
N TYR G 43 11.74 -9.51 3.17
CA TYR G 43 12.35 -8.87 2.02
C TYR G 43 13.69 -8.25 2.37
N ALA G 44 13.76 -7.67 3.58
CA ALA G 44 14.94 -6.91 3.98
C ALA G 44 16.05 -7.76 4.59
N LEU G 45 15.86 -9.07 4.66
CA LEU G 45 16.93 -9.92 5.17
C LEU G 45 17.98 -10.12 4.08
N GLY G 46 18.82 -11.13 4.25
CA GLY G 46 19.90 -11.39 3.32
C GLY G 46 19.95 -12.84 2.91
N PRO G 47 20.49 -13.11 1.70
CA PRO G 47 20.66 -14.47 1.18
C PRO G 47 21.40 -15.33 2.20
N LYS G 48 22.13 -14.67 3.12
CA LYS G 48 22.77 -15.35 4.25
C LYS G 48 21.78 -16.29 4.92
N GLU G 49 20.60 -15.78 5.25
CA GLU G 49 19.59 -16.52 5.99
C GLU G 49 18.47 -17.02 5.08
N LYS G 50 18.26 -16.33 3.96
CA LYS G 50 17.26 -16.78 2.99
C LYS G 50 17.68 -18.14 2.46
N GLN G 51 18.98 -18.28 2.21
CA GLN G 51 19.53 -19.55 1.81
C GLN G 51 19.79 -20.42 3.03
N LYS G 52 18.94 -20.28 4.03
CA LYS G 52 18.88 -21.17 5.17
C LYS G 52 17.43 -21.59 5.33
N TYR G 53 16.54 -20.61 5.22
CA TYR G 53 15.09 -20.85 5.30
C TYR G 53 14.54 -21.59 4.09
N HIS G 54 15.07 -21.30 2.91
CA HIS G 54 14.64 -22.03 1.72
C HIS G 54 15.05 -23.50 1.78
N ASP G 55 16.30 -23.73 2.17
CA ASP G 55 16.81 -25.09 2.32
C ASP G 55 16.09 -25.82 3.44
N LEU G 56 15.78 -25.10 4.51
CA LEU G 56 15.00 -25.65 5.61
C LEU G 56 13.62 -26.07 5.13
N ALA G 57 13.00 -25.22 4.31
CA ALA G 57 11.70 -25.52 3.74
C ALA G 57 11.77 -26.77 2.86
N PHE G 58 12.90 -26.92 2.17
CA PHE G 58 13.12 -28.10 1.35
C PHE G 58 13.20 -29.31 2.29
N GLN G 59 13.89 -29.15 3.42
CA GLN G 59 14.11 -30.24 4.36
C GLN G 59 12.85 -30.69 5.07
N VAL G 60 11.94 -29.76 5.35
CA VAL G 60 10.65 -30.11 5.94
C VAL G 60 9.77 -30.72 4.87
N LYS G 61 9.94 -30.26 3.63
CA LYS G 61 9.13 -30.73 2.52
C LYS G 61 9.41 -32.19 2.17
N GLU G 62 10.69 -32.54 2.09
CA GLU G 62 11.09 -33.93 1.87
C GLU G 62 10.61 -34.84 2.99
N ALA G 63 10.73 -34.35 4.22
CA ALA G 63 10.38 -35.14 5.40
C ALA G 63 8.87 -35.27 5.56
N HIS G 64 8.13 -34.60 4.67
CA HIS G 64 6.68 -34.74 4.63
C HIS G 64 6.30 -35.91 3.72
N PHE G 65 7.09 -36.09 2.67
CA PHE G 65 6.94 -37.21 1.74
C PHE G 65 7.58 -38.49 2.30
N LYS G 66 7.97 -38.45 3.57
CA LYS G 66 8.53 -39.62 4.22
C LYS G 66 7.48 -40.39 5.01
N ALA G 67 6.55 -39.65 5.62
CA ALA G 67 5.42 -40.24 6.32
C ALA G 67 4.19 -40.36 5.42
N HIS G 68 4.30 -39.87 4.18
CA HIS G 68 3.14 -39.81 3.30
C HIS G 68 3.43 -40.09 1.83
N PRO G 69 2.97 -41.25 1.33
CA PRO G 69 3.07 -41.60 -0.09
C PRO G 69 2.03 -40.80 -0.89
N ASP G 70 1.18 -41.48 -1.66
CA ASP G 70 0.12 -40.85 -2.44
C ASP G 70 -0.54 -39.66 -1.71
N TRP G 71 0.17 -38.54 -1.67
CA TRP G 71 -0.35 -37.32 -1.08
C TRP G 71 -0.34 -36.26 -2.16
N LYS G 72 -1.44 -35.52 -2.26
CA LYS G 72 -1.63 -34.58 -3.34
C LYS G 72 -1.96 -33.18 -2.86
N TRP G 73 -1.69 -32.21 -3.71
CA TRP G 73 -1.98 -30.82 -3.40
C TRP G 73 -3.46 -30.58 -3.64
N CYS G 74 -4.30 -31.12 -2.76
CA CYS G 74 -5.73 -31.03 -2.97
C CYS G 74 -6.24 -29.66 -2.53
N ASN G 75 -6.66 -28.88 -3.52
CA ASN G 75 -7.18 -27.53 -3.32
C ASN G 75 -8.68 -27.44 -3.56
N LYS G 76 -9.42 -26.99 -2.54
CA LYS G 76 -10.87 -26.86 -2.67
C LYS G 76 -11.26 -25.54 -3.32
N HIS J 3 -8.43 -41.32 -15.65
CA HIS J 3 -9.72 -41.59 -15.04
C HIS J 3 -10.14 -40.41 -14.16
N ILE J 4 -11.29 -39.81 -14.49
CA ILE J 4 -11.80 -38.62 -13.82
C ILE J 4 -10.79 -37.47 -13.93
N ARG J 5 -10.71 -36.89 -15.12
CA ARG J 5 -9.72 -35.87 -15.45
C ARG J 5 -10.13 -34.43 -15.15
N ARG J 6 -9.12 -33.55 -15.16
CA ARG J 6 -9.26 -32.13 -14.89
C ARG J 6 -10.28 -31.44 -15.79
N PRO J 7 -10.89 -30.35 -15.29
CA PRO J 7 -11.78 -29.55 -16.12
C PRO J 7 -11.03 -28.79 -17.21
N ASN J 9 -9.99 -26.07 -19.75
CA ASN J 9 -10.05 -24.62 -19.84
C ASN J 9 -10.42 -24.14 -21.25
N ALA J 10 -10.42 -22.82 -21.44
CA ALA J 10 -10.84 -22.21 -22.70
C ALA J 10 -9.83 -22.38 -23.84
N PHE J 11 -8.55 -22.20 -23.54
CA PHE J 11 -7.52 -22.35 -24.58
C PHE J 11 -7.43 -23.79 -25.07
N ILE J 13 -9.96 -25.71 -25.35
CA ILE J 13 -11.12 -25.85 -26.23
C ILE J 13 -10.85 -25.23 -27.59
N PHE J 14 -10.34 -24.00 -27.58
CA PHE J 14 -9.89 -23.34 -28.80
C PHE J 14 -8.96 -24.25 -29.59
N SER J 15 -7.91 -24.72 -28.93
CA SER J 15 -6.93 -25.62 -29.53
C SER J 15 -7.57 -26.88 -30.09
N LYS J 16 -8.48 -27.48 -29.33
CA LYS J 16 -9.18 -28.68 -29.77
C LYS J 16 -9.96 -28.41 -31.06
N ARG J 17 -10.53 -27.20 -31.17
CA ARG J 17 -11.34 -26.85 -32.33
C ARG J 17 -10.53 -26.38 -33.53
N HIS J 18 -9.30 -25.93 -33.32
CA HIS J 18 -8.54 -25.30 -34.40
C HIS J 18 -7.18 -25.92 -34.73
N ARG J 19 -6.77 -26.95 -34.00
CA ARG J 19 -5.46 -27.55 -34.22
C ARG J 19 -5.35 -28.21 -35.59
N ALA J 20 -6.35 -29.02 -35.95
CA ALA J 20 -6.42 -29.60 -37.28
C ALA J 20 -6.31 -28.52 -38.36
N LEU J 21 -7.07 -27.43 -38.18
CA LEU J 21 -7.02 -26.28 -39.08
C LEU J 21 -5.61 -25.75 -39.25
N VAL J 22 -4.96 -25.44 -38.12
CA VAL J 22 -3.60 -24.91 -38.10
C VAL J 22 -2.64 -25.89 -38.78
N HIS J 23 -2.91 -27.18 -38.64
CA HIS J 23 -2.07 -28.21 -39.23
C HIS J 23 -2.23 -28.25 -40.75
N GLN J 24 -3.45 -28.09 -41.22
CA GLN J 24 -3.70 -28.03 -42.66
C GLN J 24 -3.13 -26.75 -43.27
N ARG J 25 -3.04 -25.71 -42.45
CA ARG J 25 -2.62 -24.40 -42.93
C ARG J 25 -1.14 -24.11 -42.67
N HIS J 26 -0.51 -24.96 -41.87
CA HIS J 26 0.95 -24.91 -41.70
C HIS J 26 1.56 -26.31 -41.77
N PRO J 27 1.82 -26.80 -42.99
CA PRO J 27 2.31 -28.18 -43.20
C PRO J 27 3.76 -28.42 -42.78
N ASN J 28 4.69 -27.59 -43.25
CA ASN J 28 6.11 -27.78 -43.01
C ASN J 28 6.60 -27.58 -41.58
N GLN J 29 5.77 -27.91 -40.58
CA GLN J 29 6.18 -27.66 -39.20
C GLN J 29 5.80 -28.74 -38.19
N ASP J 30 6.39 -28.60 -36.99
CA ASP J 30 6.18 -29.48 -35.84
C ASP J 30 4.90 -29.18 -35.07
N ASN J 31 4.30 -30.22 -34.47
CA ASN J 31 3.07 -30.09 -33.70
C ASN J 31 3.30 -29.32 -32.38
N ARG J 32 4.49 -28.74 -32.24
CA ARG J 32 4.83 -27.95 -31.06
C ARG J 32 4.84 -26.50 -31.52
N THR J 33 5.19 -26.31 -32.78
CA THR J 33 5.09 -25.02 -33.43
C THR J 33 3.65 -24.77 -33.83
N VAL J 34 2.92 -25.85 -34.09
CA VAL J 34 1.47 -25.78 -34.31
C VAL J 34 0.82 -25.14 -33.09
N SER J 35 1.25 -25.57 -31.90
CA SER J 35 0.81 -25.00 -30.64
C SER J 35 1.14 -23.49 -30.57
N LYS J 36 2.34 -23.14 -31.03
CA LYS J 36 2.78 -21.74 -31.07
C LYS J 36 1.80 -20.90 -31.89
N ILE J 37 1.54 -21.38 -33.11
CA ILE J 37 0.59 -20.75 -34.00
C ILE J 37 -0.78 -20.65 -33.36
N LEU J 38 -1.15 -21.67 -32.61
CA LEU J 38 -2.41 -21.66 -31.87
C LEU J 38 -2.45 -20.54 -30.83
N GLY J 39 -1.32 -20.28 -30.19
CA GLY J 39 -1.22 -19.18 -29.25
C GLY J 39 -1.38 -17.85 -29.97
N GLU J 40 -0.75 -17.75 -31.13
CA GLU J 40 -0.87 -16.56 -31.98
C GLU J 40 -2.33 -16.30 -32.36
N TRP J 41 -3.00 -17.36 -32.79
CA TRP J 41 -4.42 -17.30 -33.15
C TRP J 41 -5.29 -16.92 -31.95
N TRP J 42 -4.88 -17.38 -30.77
CA TRP J 42 -5.66 -17.17 -29.56
C TRP J 42 -5.59 -15.73 -29.08
N TYR J 43 -4.41 -15.13 -29.12
CA TYR J 43 -4.27 -13.73 -28.75
C TYR J 43 -4.89 -12.79 -29.80
N ALA J 44 -4.73 -13.14 -31.08
CA ALA J 44 -5.15 -12.29 -32.20
C ALA J 44 -6.61 -12.44 -32.64
N LEU J 45 -7.39 -13.25 -31.93
CA LEU J 45 -8.78 -13.47 -32.32
C LEU J 45 -9.72 -12.31 -31.99
N GLY J 46 -9.72 -11.87 -30.74
CA GLY J 46 -10.59 -10.79 -30.31
C GLY J 46 -11.56 -11.18 -29.21
N PRO J 47 -11.93 -10.20 -28.37
CA PRO J 47 -12.85 -10.40 -27.24
C PRO J 47 -14.21 -11.01 -27.62
N LYS J 48 -14.63 -10.84 -28.88
CA LYS J 48 -15.86 -11.43 -29.39
C LYS J 48 -15.99 -12.95 -29.13
N GLU J 49 -14.96 -13.72 -29.47
CA GLU J 49 -15.01 -15.17 -29.40
C GLU J 49 -14.25 -15.74 -28.19
N LYS J 50 -13.30 -14.96 -27.68
CA LYS J 50 -12.52 -15.38 -26.52
C LYS J 50 -13.34 -15.67 -25.27
N GLN J 51 -14.29 -14.79 -24.97
CA GLN J 51 -15.18 -15.02 -23.84
C GLN J 51 -16.36 -15.92 -24.23
N LYS J 52 -16.36 -16.36 -25.49
CA LYS J 52 -17.30 -17.38 -25.92
C LYS J 52 -16.69 -18.67 -25.44
N TYR J 53 -15.38 -18.79 -25.65
CA TYR J 53 -14.64 -19.95 -25.19
C TYR J 53 -14.57 -19.94 -23.67
N HIS J 54 -14.50 -18.76 -23.08
CA HIS J 54 -14.52 -18.63 -21.63
C HIS J 54 -15.85 -19.13 -21.08
N ASP J 55 -16.95 -18.74 -21.74
CA ASP J 55 -18.27 -19.23 -21.33
C ASP J 55 -18.41 -20.73 -21.52
N LEU J 56 -17.81 -21.26 -22.59
CA LEU J 56 -17.80 -22.70 -22.81
C LEU J 56 -17.07 -23.43 -21.69
N ALA J 57 -15.92 -22.89 -21.30
CA ALA J 57 -15.14 -23.45 -20.19
C ALA J 57 -15.96 -23.40 -18.91
N PHE J 58 -16.73 -22.32 -18.76
CA PHE J 58 -17.60 -22.17 -17.61
C PHE J 58 -18.68 -23.24 -17.58
N GLN J 59 -19.28 -23.50 -18.75
CA GLN J 59 -20.37 -24.47 -18.84
C GLN J 59 -19.88 -25.92 -18.70
N VAL J 60 -18.67 -26.21 -19.16
CA VAL J 60 -18.12 -27.55 -18.99
C VAL J 60 -17.65 -27.76 -17.54
N LYS J 61 -17.12 -26.72 -16.92
CA LYS J 61 -16.69 -26.84 -15.52
C LYS J 61 -17.92 -26.98 -14.64
N GLU J 62 -18.96 -26.22 -14.98
CA GLU J 62 -20.25 -26.28 -14.31
C GLU J 62 -20.77 -27.71 -14.36
N ALA J 63 -20.66 -28.31 -15.53
CA ALA J 63 -21.11 -29.68 -15.74
C ALA J 63 -20.12 -30.69 -15.18
N HIS J 64 -18.96 -30.22 -14.72
CA HIS J 64 -17.97 -31.09 -14.11
C HIS J 64 -18.15 -31.23 -12.59
N PHE J 65 -18.52 -30.15 -11.92
CA PHE J 65 -18.83 -30.23 -10.48
C PHE J 65 -20.25 -30.70 -10.24
N LYS J 66 -20.96 -31.02 -11.32
CA LYS J 66 -22.30 -31.56 -11.20
C LYS J 66 -22.24 -33.07 -11.41
N ALA J 67 -21.30 -33.53 -12.22
CA ALA J 67 -21.08 -34.96 -12.40
C ALA J 67 -20.05 -35.50 -11.41
N HIS J 68 -19.48 -34.59 -10.63
CA HIS J 68 -18.44 -34.91 -9.66
C HIS J 68 -18.59 -34.01 -8.44
N PRO J 69 -19.04 -34.58 -7.32
CA PRO J 69 -19.23 -33.83 -6.08
C PRO J 69 -17.94 -33.50 -5.32
N ASP J 70 -17.05 -34.47 -5.15
CA ASP J 70 -15.81 -34.22 -4.42
C ASP J 70 -14.56 -34.57 -5.21
N TRP J 71 -14.26 -33.76 -6.23
CA TRP J 71 -13.00 -33.88 -6.97
C TRP J 71 -12.33 -32.53 -6.96
N LYS J 72 -11.03 -32.50 -6.70
CA LYS J 72 -10.30 -31.25 -6.54
C LYS J 72 -9.09 -31.18 -7.44
N TRP J 73 -8.57 -29.97 -7.64
CA TRP J 73 -7.37 -29.78 -8.44
C TRP J 73 -6.15 -30.30 -7.68
N CYS J 74 -6.13 -31.61 -7.53
CA CYS J 74 -5.07 -32.35 -6.86
C CYS J 74 -3.98 -32.70 -7.86
N ASN J 75 -2.75 -32.28 -7.60
CA ASN J 75 -1.66 -32.55 -8.51
C ASN J 75 -0.83 -33.75 -8.04
N LYS J 76 -0.79 -34.78 -8.88
CA LYS J 76 -0.09 -36.02 -8.57
C LYS J 76 1.40 -35.92 -8.85
#